data_4QBU
#
_entry.id   4QBU
#
_cell.length_a   46.915
_cell.length_b   74.250
_cell.length_c   124.728
_cell.angle_alpha   90.00
_cell.angle_beta   90.00
_cell.angle_gamma   90.00
#
_symmetry.space_group_name_H-M   'P 21 21 21'
#
loop_
_entity.id
_entity.type
_entity.pdbx_description
1 polymer ZmaA
2 non-polymer 'FORMIC ACID'
3 water water
#
_entity_poly.entity_id   1
_entity_poly.type   'polypeptide(L)'
_entity_poly.pdbx_seq_one_letter_code
;AMEATSNSRPYQMLMISAKSKDALDRMTLNLGNHLEQNPHVNLADASYTLQIGRKEFKHRRALVCSSTQEGIEQLNQPDG
RRVQYANVKEEHPKIHFLFSGNGSQYVNMGLELYEQEAIFREAMDECFAILQSFTNVNMKEVLYPTTFSINEATEKLKRM
EFSQPILFAFEYAVAKLLMGWGIKPEAMIGYSFGEYVAACLAEVFTLEDALKLVVKRGQLMSSLPAGVMLSVPLPEEELI
HLINSFEKEYQHTISLAVVNGPACIVSGTEEAIVDFENELKKQRLMCMRVTIEGAAHSHELDSILDEYASYVSTLTLREP
KIPYLSNLTGTWIRPEEATNPVYWVKHMRGTVRFSDGIQELNRDNTSLFIEIGPGNDLSRLTSRLLDYENGNERIFNTVR
SVQQDVSDMYFLFSHITRMWVTGISVDWEQFYKDEKRRRIPLPM
;
_entity_poly.pdbx_strand_id   A
#
# COMPACT_ATOMS: atom_id res chain seq x y z
N THR A 5 30.84 -0.67 -4.65
CA THR A 5 30.47 0.13 -3.43
C THR A 5 30.40 1.64 -3.79
N SER A 6 31.33 2.12 -4.64
CA SER A 6 31.08 3.42 -5.32
C SER A 6 30.05 3.28 -6.45
N ASN A 7 29.71 2.04 -6.85
CA ASN A 7 28.53 1.78 -7.71
C ASN A 7 27.29 2.40 -7.06
N SER A 8 26.26 2.67 -7.84
CA SER A 8 25.06 3.26 -7.23
C SER A 8 23.81 2.61 -7.83
N ARG A 9 22.65 3.08 -7.37
CA ARG A 9 21.37 2.55 -7.83
C ARG A 9 21.18 2.94 -9.30
N PRO A 10 20.33 2.18 -10.02
CA PRO A 10 20.17 2.44 -11.47
C PRO A 10 19.28 3.66 -11.78
N TYR A 11 18.57 4.17 -10.76
CA TYR A 11 17.79 5.42 -10.85
C TYR A 11 18.28 6.41 -9.79
N GLN A 12 18.28 7.68 -10.14
CA GLN A 12 18.81 8.73 -9.28
C GLN A 12 17.72 9.79 -9.15
N MET A 13 17.53 10.29 -7.92
CA MET A 13 16.61 11.40 -7.75
C MET A 13 17.44 12.67 -7.56
N LEU A 14 17.05 13.72 -8.27
CA LEU A 14 17.73 15.03 -8.08
C LEU A 14 16.77 15.92 -7.33
N MET A 15 17.24 16.45 -6.20
CA MET A 15 16.40 17.29 -5.25
C MET A 15 16.95 18.70 -5.29
N ILE A 16 16.09 19.70 -5.39
CA ILE A 16 16.54 21.09 -5.37
C ILE A 16 15.51 21.83 -4.49
N SER A 17 15.98 22.74 -3.63
CA SER A 17 14.99 23.55 -2.88
C SER A 17 15.50 24.97 -2.72
N ALA A 18 14.57 25.89 -2.44
CA ALA A 18 14.95 27.29 -2.30
C ALA A 18 13.86 28.07 -1.55
N LYS A 19 14.15 29.32 -1.20
CA LYS A 19 13.22 30.10 -0.38
C LYS A 19 12.14 30.79 -1.25
N SER A 20 12.34 30.81 -2.57
CA SER A 20 11.32 31.31 -3.52
C SER A 20 11.33 30.47 -4.79
N LYS A 21 10.25 30.57 -5.54
CA LYS A 21 10.21 29.83 -6.79
C LYS A 21 11.21 30.42 -7.76
N ASP A 22 11.40 31.73 -7.73
CA ASP A 22 12.35 32.32 -8.67
C ASP A 22 13.76 31.77 -8.46
N ALA A 23 14.18 31.71 -7.20
CA ALA A 23 15.53 31.17 -6.89
C ALA A 23 15.63 29.69 -7.25
N LEU A 24 14.52 28.96 -6.99
CA LEU A 24 14.48 27.50 -7.30
C LEU A 24 14.69 27.33 -8.79
N ASP A 25 13.97 28.11 -9.61
CA ASP A 25 14.04 27.92 -11.06
C ASP A 25 15.42 28.29 -11.58
N ARG A 26 16.06 29.34 -11.04
CA ARG A 26 17.41 29.72 -11.46
C ARG A 26 18.37 28.56 -11.12
N MET A 27 18.20 27.98 -9.94
CA MET A 27 19.09 26.88 -9.51
C MET A 27 18.93 25.66 -10.36
N THR A 28 17.69 25.42 -10.78
CA THR A 28 17.35 24.26 -11.61
C THR A 28 18.07 24.38 -12.97
N LEU A 29 17.99 25.57 -13.53
CA LEU A 29 18.57 25.85 -14.86
C LEU A 29 20.13 25.81 -14.72
N ASN A 30 20.65 26.39 -13.64
CA ASN A 30 22.11 26.34 -13.42
C ASN A 30 22.63 24.92 -13.35
N LEU A 31 21.88 24.04 -12.64
CA LEU A 31 22.30 22.64 -12.51
C LEU A 31 22.25 21.92 -13.85
N GLY A 32 21.17 22.15 -14.61
CA GLY A 32 21.09 21.59 -15.98
C GLY A 32 22.27 21.96 -16.87
N ASN A 33 22.60 23.24 -16.86
CA ASN A 33 23.71 23.77 -17.66
C ASN A 33 25.02 23.16 -17.16
N HIS A 34 25.17 23.03 -15.84
CA HIS A 34 26.43 22.49 -15.34
C HIS A 34 26.63 21.03 -15.82
N LEU A 35 25.57 20.24 -15.76
CA LEU A 35 25.64 18.84 -16.21
C LEU A 35 25.83 18.76 -17.71
N GLU A 36 25.27 19.67 -18.45
CA GLU A 36 25.48 19.66 -19.93
C GLU A 36 26.92 20.01 -20.25
N GLN A 37 27.49 20.91 -19.44
CA GLN A 37 28.85 21.43 -19.70
C GLN A 37 29.97 20.49 -19.25
N ASN A 38 29.66 19.60 -18.30
CA ASN A 38 30.56 18.56 -17.79
C ASN A 38 29.83 17.23 -17.79
N PRO A 39 29.59 16.61 -18.99
CA PRO A 39 28.66 15.46 -19.21
C PRO A 39 29.12 14.13 -18.58
N HIS A 40 30.39 14.10 -18.15
CA HIS A 40 30.96 13.01 -17.41
C HIS A 40 30.96 13.14 -15.85
N VAL A 41 30.38 14.23 -15.28
CA VAL A 41 30.16 14.38 -13.78
C VAL A 41 29.59 13.07 -13.28
N ASN A 42 29.89 12.65 -12.03
CA ASN A 42 29.34 11.40 -11.52
C ASN A 42 27.92 11.73 -11.02
N LEU A 43 26.90 11.16 -11.68
CA LEU A 43 25.51 11.54 -11.42
C LEU A 43 25.11 11.14 -10.01
N ALA A 44 25.56 9.96 -9.57
CA ALA A 44 25.21 9.56 -8.17
C ALA A 44 25.82 10.52 -7.13
N ASP A 45 27.04 10.97 -7.36
CA ASP A 45 27.65 11.96 -6.44
C ASP A 45 26.91 13.30 -6.49
N ALA A 46 26.43 13.68 -7.67
CA ALA A 46 25.63 14.90 -7.78
C ALA A 46 24.33 14.74 -7.01
N SER A 47 23.67 13.59 -7.17
CA SER A 47 22.41 13.32 -6.41
C SER A 47 22.68 13.39 -4.88
N TYR A 48 23.76 12.74 -4.47
CA TYR A 48 24.13 12.71 -3.04
C TYR A 48 24.43 14.11 -2.53
N THR A 49 25.17 14.91 -3.31
CA THR A 49 25.51 16.28 -2.88
C THR A 49 24.27 17.14 -2.66
N LEU A 50 23.26 16.92 -3.49
CA LEU A 50 22.02 17.69 -3.38
C LEU A 50 21.16 17.24 -2.20
N GLN A 51 21.43 16.07 -1.63
CA GLN A 51 20.60 15.50 -0.54
C GLN A 51 21.31 15.55 0.83
N ILE A 52 22.54 15.04 0.87
CA ILE A 52 23.10 14.62 2.20
C ILE A 52 23.42 15.85 3.06
N GLY A 53 22.86 15.84 4.29
CA GLY A 53 23.06 16.93 5.23
C GLY A 53 22.48 18.29 4.81
N ARG A 54 21.66 18.31 3.76
CA ARG A 54 21.23 19.59 3.17
C ARG A 54 20.06 20.20 3.90
N LYS A 55 20.11 21.54 4.09
CA LYS A 55 18.90 22.32 4.52
C LYS A 55 17.84 22.15 3.45
N GLU A 56 16.60 21.96 3.86
CA GLU A 56 15.50 21.84 2.91
C GLU A 56 14.61 23.07 3.02
N PHE A 57 14.43 23.75 1.91
CA PHE A 57 13.64 24.98 1.94
C PHE A 57 12.23 24.65 1.40
N LYS A 58 11.34 25.64 1.45
CA LYS A 58 9.93 25.38 1.22
C LYS A 58 9.56 25.24 -0.26
N HIS A 59 10.30 25.86 -1.19
CA HIS A 59 9.95 25.62 -2.63
C HIS A 59 10.81 24.48 -3.09
N ARG A 60 10.17 23.39 -3.52
CA ARG A 60 10.94 22.16 -3.77
C ARG A 60 10.67 21.63 -5.14
N ARG A 61 11.73 21.13 -5.78
CA ARG A 61 11.61 20.45 -7.09
C ARG A 61 12.39 19.15 -7.05
N ALA A 62 11.87 18.08 -7.65
CA ALA A 62 12.62 16.84 -7.67
C ALA A 62 12.22 16.03 -8.90
N LEU A 63 13.14 15.20 -9.36
CA LEU A 63 12.89 14.41 -10.56
C LEU A 63 13.66 13.10 -10.46
N VAL A 64 13.29 12.12 -11.28
CA VAL A 64 13.99 10.83 -11.36
C VAL A 64 14.66 10.75 -12.74
N CYS A 65 15.90 10.30 -12.76
CA CYS A 65 16.54 10.02 -14.04
C CYS A 65 17.37 8.78 -13.95
N SER A 66 17.74 8.24 -15.11
CA SER A 66 18.66 7.09 -15.10
C SER A 66 19.95 7.37 -15.87
N SER A 67 20.10 8.60 -16.35
CA SER A 67 21.33 9.01 -17.00
C SER A 67 21.43 10.52 -16.86
N THR A 68 22.65 11.03 -16.99
CA THR A 68 22.89 12.46 -16.93
C THR A 68 22.07 13.14 -18.05
N GLN A 69 22.05 12.56 -19.24
CA GLN A 69 21.32 13.15 -20.35
C GLN A 69 19.83 13.27 -20.05
N GLU A 70 19.24 12.26 -19.41
CA GLU A 70 17.85 12.34 -19.02
C GLU A 70 17.61 13.44 -17.99
N GLY A 71 18.56 13.60 -17.08
CA GLY A 71 18.46 14.66 -16.02
C GLY A 71 18.55 16.03 -16.70
N ILE A 72 19.48 16.19 -17.64
CA ILE A 72 19.63 17.47 -18.37
C ILE A 72 18.33 17.88 -19.07
N GLU A 73 17.71 16.92 -19.75
CA GLU A 73 16.49 17.18 -20.52
C GLU A 73 15.37 17.69 -19.63
N GLN A 74 15.30 17.11 -18.43
CA GLN A 74 14.30 17.54 -17.44
C GLN A 74 14.61 18.86 -16.78
N LEU A 75 15.87 19.05 -16.36
CA LEU A 75 16.26 20.29 -15.69
C LEU A 75 16.13 21.51 -16.62
N ASN A 76 16.27 21.30 -17.93
CA ASN A 76 16.20 22.41 -18.90
C ASN A 76 14.76 22.90 -19.09
N GLN A 77 13.81 22.12 -18.59
CA GLN A 77 12.40 22.51 -18.60
C GLN A 77 11.83 22.50 -17.14
N PRO A 78 12.22 23.49 -16.32
CA PRO A 78 11.87 23.36 -14.87
C PRO A 78 10.38 23.14 -14.58
N ASP A 79 9.50 23.67 -15.44
CA ASP A 79 8.06 23.54 -15.13
C ASP A 79 7.38 22.45 -15.97
N GLY A 80 8.20 21.62 -16.60
CA GLY A 80 7.69 20.47 -17.36
C GLY A 80 7.00 19.50 -16.40
N ARG A 81 6.07 18.70 -16.90
CA ARG A 81 5.31 17.89 -15.98
C ARG A 81 5.98 16.55 -15.59
N ARG A 82 7.15 16.27 -16.18
CA ARG A 82 7.99 15.12 -15.75
C ARG A 82 8.59 15.41 -14.33
N VAL A 83 8.76 16.69 -14.02
CA VAL A 83 9.43 17.17 -12.86
C VAL A 83 8.37 17.47 -11.81
N GLN A 84 8.66 17.16 -10.53
CA GLN A 84 7.73 17.51 -9.48
C GLN A 84 8.10 18.83 -8.81
N TYR A 85 7.05 19.61 -8.49
CA TYR A 85 7.27 20.88 -7.80
C TYR A 85 6.16 21.09 -6.79
N ALA A 86 6.52 21.66 -5.65
CA ALA A 86 5.52 22.14 -4.70
C ALA A 86 6.08 23.21 -3.78
N ASN A 87 5.17 24.01 -3.21
CA ASN A 87 5.54 24.99 -2.19
C ASN A 87 4.98 24.39 -0.90
N VAL A 88 5.89 23.92 -0.04
CA VAL A 88 5.48 23.27 1.21
C VAL A 88 4.86 24.30 2.17
N LYS A 89 3.62 24.08 2.57
CA LYS A 89 2.98 24.97 3.55
C LYS A 89 2.97 24.28 4.91
N GLU A 90 2.88 22.93 4.91
CA GLU A 90 2.99 22.17 6.18
C GLU A 90 4.32 21.44 6.24
N GLU A 91 5.22 21.90 7.11
CA GLU A 91 6.56 21.32 7.10
C GLU A 91 6.67 19.96 7.81
N HIS A 92 5.71 19.61 8.63
CA HIS A 92 5.82 18.33 9.33
C HIS A 92 4.51 17.58 9.14
N PRO A 93 4.22 17.18 7.89
CA PRO A 93 2.89 16.61 7.65
C PRO A 93 2.70 15.28 8.36
N LYS A 94 1.44 14.95 8.68
CA LYS A 94 1.15 13.62 9.23
C LYS A 94 1.20 12.66 8.07
N ILE A 95 1.92 11.57 8.29
CA ILE A 95 2.03 10.52 7.24
C ILE A 95 1.25 9.30 7.66
N HIS A 96 0.36 8.83 6.78
CA HIS A 96 -0.46 7.64 7.05
C HIS A 96 -0.12 6.55 6.07
N PHE A 97 0.17 5.35 6.56
CA PHE A 97 0.28 4.22 5.65
C PHE A 97 -1.08 3.60 5.46
N LEU A 98 -1.40 3.33 4.18
CA LEU A 98 -2.65 2.64 3.78
C LEU A 98 -2.29 1.31 3.18
N PHE A 99 -2.68 0.23 3.88
CA PHE A 99 -2.32 -1.12 3.44
C PHE A 99 -3.35 -1.71 2.53
N SER A 100 -2.91 -2.08 1.32
CA SER A 100 -3.82 -2.67 0.35
CA SER A 100 -3.85 -2.65 0.37
C SER A 100 -4.38 -4.02 0.79
N GLY A 101 -5.61 -4.32 0.35
CA GLY A 101 -6.22 -5.60 0.60
C GLY A 101 -5.82 -6.65 -0.47
N ASN A 102 -6.35 -7.92 -0.37
CA ASN A 102 -6.11 -8.95 -1.38
CA ASN A 102 -6.16 -8.94 -1.33
C ASN A 102 -6.71 -8.54 -2.71
N GLY A 103 -6.05 -9.04 -3.70
CA GLY A 103 -6.68 -9.00 -5.00
C GLY A 103 -5.83 -8.46 -6.14
N SER A 104 -4.76 -7.75 -5.82
CA SER A 104 -3.91 -7.16 -6.84
C SER A 104 -2.51 -7.77 -6.86
N GLN A 105 -2.30 -8.82 -6.07
CA GLN A 105 -0.96 -9.48 -6.04
C GLN A 105 -0.62 -10.17 -7.35
N TYR A 106 0.66 -10.22 -7.65
CA TYR A 106 1.12 -10.92 -8.87
C TYR A 106 2.53 -11.43 -8.70
N VAL A 107 2.85 -12.48 -9.47
CA VAL A 107 4.19 -13.06 -9.46
C VAL A 107 5.21 -11.99 -9.85
N ASN A 108 6.32 -11.98 -9.15
CA ASN A 108 7.42 -11.04 -9.36
C ASN A 108 7.11 -9.59 -8.97
N MET A 109 6.01 -9.36 -8.27
CA MET A 109 5.78 -7.98 -7.81
C MET A 109 6.94 -7.61 -6.86
N GLY A 110 7.51 -6.44 -7.08
CA GLY A 110 8.59 -5.95 -6.24
C GLY A 110 9.96 -6.56 -6.57
N LEU A 111 10.04 -7.34 -7.65
CA LEU A 111 11.31 -7.98 -7.97
C LEU A 111 12.53 -7.04 -8.01
N GLU A 112 12.41 -5.86 -8.60
CA GLU A 112 13.60 -5.00 -8.66
C GLU A 112 13.95 -4.52 -7.25
N LEU A 113 12.93 -4.37 -6.38
CA LEU A 113 13.25 -3.97 -5.01
C LEU A 113 13.95 -5.13 -4.26
N TYR A 114 13.52 -6.38 -4.51
CA TYR A 114 14.20 -7.54 -3.91
C TYR A 114 15.66 -7.61 -4.40
N GLU A 115 15.86 -7.33 -5.66
CA GLU A 115 17.20 -7.40 -6.23
C GLU A 115 18.10 -6.29 -5.76
N GLN A 116 17.54 -5.08 -5.59
CA GLN A 116 18.38 -3.88 -5.43
C GLN A 116 18.49 -3.40 -3.97
N GLU A 117 17.42 -3.55 -3.20
CA GLU A 117 17.35 -2.87 -1.88
C GLU A 117 17.55 -3.81 -0.73
N ALA A 118 18.66 -3.62 -0.04
CA ALA A 118 19.00 -4.50 1.08
C ALA A 118 17.95 -4.51 2.18
N ILE A 119 17.38 -3.36 2.48
CA ILE A 119 16.41 -3.33 3.59
C ILE A 119 15.20 -4.18 3.24
N PHE A 120 14.72 -4.03 2.01
CA PHE A 120 13.56 -4.77 1.53
C PHE A 120 13.85 -6.25 1.45
N ARG A 121 15.00 -6.56 0.87
CA ARG A 121 15.39 -7.98 0.70
C ARG A 121 15.50 -8.68 2.06
N GLU A 122 16.04 -7.99 3.04
CA GLU A 122 16.23 -8.59 4.34
C GLU A 122 14.89 -8.86 5.00
N ALA A 123 13.95 -7.92 4.87
CA ALA A 123 12.62 -8.10 5.44
C ALA A 123 11.91 -9.27 4.75
N MET A 124 12.02 -9.33 3.43
CA MET A 124 11.39 -10.43 2.69
C MET A 124 12.01 -11.79 3.06
N ASP A 125 13.33 -11.83 3.14
CA ASP A 125 14.00 -13.12 3.46
C ASP A 125 13.63 -13.58 4.89
N GLU A 126 13.44 -12.63 5.80
CA GLU A 126 12.99 -13.03 7.16
C GLU A 126 11.62 -13.68 7.09
N CYS A 127 10.71 -13.05 6.36
CA CYS A 127 9.37 -13.61 6.17
C CYS A 127 9.45 -15.02 5.49
N PHE A 128 10.27 -15.14 4.47
CA PHE A 128 10.35 -16.45 3.75
C PHE A 128 10.90 -17.51 4.68
N ALA A 129 11.86 -17.16 5.52
CA ALA A 129 12.41 -18.13 6.48
C ALA A 129 11.39 -18.57 7.48
N ILE A 130 10.63 -17.60 8.01
CA ILE A 130 9.63 -17.98 8.98
C ILE A 130 8.55 -18.86 8.35
N LEU A 131 8.10 -18.50 7.15
CA LEU A 131 7.07 -19.31 6.47
C LEU A 131 7.57 -20.71 6.21
N GLN A 132 8.80 -20.81 5.70
CA GLN A 132 9.33 -22.17 5.46
C GLN A 132 9.40 -23.01 6.73
N SER A 133 9.75 -22.39 7.84
CA SER A 133 9.92 -23.13 9.08
CA SER A 133 9.91 -23.10 9.11
C SER A 133 8.62 -23.73 9.62
N PHE A 134 7.49 -23.06 9.45
CA PHE A 134 6.26 -23.69 9.95
C PHE A 134 5.33 -24.29 8.88
N THR A 135 5.50 -23.95 7.59
CA THR A 135 4.63 -24.50 6.52
C THR A 135 5.33 -25.56 5.70
N ASN A 136 6.66 -25.60 5.80
CA ASN A 136 7.53 -26.49 4.99
C ASN A 136 7.45 -26.22 3.48
N VAL A 137 7.00 -25.03 3.14
CA VAL A 137 6.88 -24.64 1.75
C VAL A 137 7.80 -23.45 1.51
N ASN A 138 8.53 -23.52 0.40
CA ASN A 138 9.33 -22.40 -0.02
C ASN A 138 8.49 -21.38 -0.80
N MET A 139 8.08 -20.31 -0.13
CA MET A 139 7.20 -19.39 -0.80
C MET A 139 7.92 -18.40 -1.73
N LYS A 140 9.23 -18.28 -1.57
CA LYS A 140 10.04 -17.49 -2.50
C LYS A 140 9.95 -18.01 -3.94
N GLU A 141 9.85 -19.33 -4.10
CA GLU A 141 9.73 -19.94 -5.41
C GLU A 141 8.43 -19.53 -6.12
N VAL A 142 7.39 -19.16 -5.35
CA VAL A 142 6.13 -18.71 -5.92
C VAL A 142 6.18 -17.19 -6.27
N LEU A 143 6.65 -16.37 -5.32
CA LEU A 143 6.74 -14.91 -5.53
C LEU A 143 7.84 -14.52 -6.50
N TYR A 144 9.01 -15.13 -6.36
CA TYR A 144 10.16 -14.80 -7.22
C TYR A 144 10.71 -16.11 -7.84
N PRO A 145 9.97 -16.67 -8.78
CA PRO A 145 10.32 -18.03 -9.24
C PRO A 145 11.72 -18.02 -9.90
N THR A 146 12.55 -18.99 -9.48
CA THR A 146 13.90 -19.24 -10.03
C THR A 146 14.03 -20.68 -10.43
N THR A 147 13.04 -21.51 -10.08
CA THR A 147 12.96 -22.86 -10.66
C THR A 147 11.64 -23.14 -11.37
N PHE A 148 10.55 -22.54 -10.91
CA PHE A 148 9.26 -22.71 -11.57
C PHE A 148 9.22 -21.79 -12.77
N SER A 149 8.40 -22.13 -13.77
CA SER A 149 8.06 -21.17 -14.85
C SER A 149 7.15 -20.14 -14.23
N ILE A 150 7.07 -18.95 -14.84
CA ILE A 150 6.08 -17.95 -14.41
C ILE A 150 4.66 -18.55 -14.44
N ASN A 151 4.38 -19.33 -15.49
CA ASN A 151 3.08 -20.05 -15.60
C ASN A 151 2.69 -20.82 -14.33
N GLU A 152 3.65 -21.58 -13.78
CA GLU A 152 3.39 -22.43 -12.62
C GLU A 152 3.31 -21.62 -11.33
N ALA A 153 4.17 -20.62 -11.21
CA ALA A 153 4.11 -19.70 -10.05
C ALA A 153 2.77 -18.98 -10.01
N THR A 154 2.30 -18.51 -11.14
CA THR A 154 1.01 -17.83 -11.23
C THR A 154 -0.17 -18.70 -10.78
N GLU A 155 -0.14 -19.98 -11.17
CA GLU A 155 -1.18 -20.91 -10.72
C GLU A 155 -1.10 -21.08 -9.19
N LYS A 156 0.11 -21.27 -8.64
CA LYS A 156 0.25 -21.47 -7.19
C LYS A 156 -0.09 -20.23 -6.36
N LEU A 157 0.17 -19.03 -6.93
CA LEU A 157 -0.23 -17.77 -6.26
C LEU A 157 -1.74 -17.55 -6.16
N LYS A 158 -2.52 -18.29 -6.94
CA LYS A 158 -3.97 -18.24 -6.85
C LYS A 158 -4.50 -18.98 -5.62
N ARG A 159 -3.74 -19.93 -5.05
CA ARG A 159 -4.18 -20.59 -3.80
C ARG A 159 -4.06 -19.59 -2.65
N MET A 160 -5.10 -19.48 -1.83
CA MET A 160 -5.12 -18.52 -0.72
C MET A 160 -4.11 -18.75 0.41
N GLU A 161 -3.71 -20.00 0.64
CA GLU A 161 -2.74 -20.27 1.68
C GLU A 161 -1.33 -19.84 1.23
N PHE A 162 -1.17 -19.55 -0.07
CA PHE A 162 0.01 -18.89 -0.63
C PHE A 162 -0.19 -17.38 -0.81
N SER A 163 -1.30 -16.98 -1.46
CA SER A 163 -1.46 -15.53 -1.79
C SER A 163 -1.57 -14.65 -0.57
N GLN A 164 -2.22 -15.13 0.49
CA GLN A 164 -2.38 -14.27 1.69
C GLN A 164 -1.02 -14.06 2.41
N PRO A 165 -0.24 -15.15 2.68
CA PRO A 165 1.02 -14.82 3.36
C PRO A 165 2.03 -14.12 2.46
N ILE A 166 1.98 -14.39 1.15
CA ILE A 166 2.84 -13.65 0.25
C ILE A 166 2.54 -12.14 0.18
N LEU A 167 1.28 -11.80 0.10
CA LEU A 167 0.90 -10.37 0.08
C LEU A 167 1.29 -9.72 1.39
N PHE A 168 0.98 -10.42 2.50
CA PHE A 168 1.35 -9.91 3.83
C PHE A 168 2.84 -9.62 3.86
N ALA A 169 3.68 -10.59 3.46
CA ALA A 169 5.10 -10.40 3.55
C ALA A 169 5.55 -9.24 2.69
N PHE A 170 5.01 -9.15 1.47
CA PHE A 170 5.37 -8.11 0.54
C PHE A 170 5.03 -6.70 1.11
N GLU A 171 3.82 -6.57 1.67
CA GLU A 171 3.43 -5.27 2.17
C GLU A 171 4.29 -4.94 3.39
N TYR A 172 4.51 -5.95 4.24
CA TYR A 172 5.41 -5.72 5.39
C TYR A 172 6.77 -5.20 4.93
N ALA A 173 7.35 -5.82 3.90
CA ALA A 173 8.67 -5.46 3.43
C ALA A 173 8.72 -4.05 2.80
N VAL A 174 7.68 -3.72 2.03
CA VAL A 174 7.54 -2.34 1.46
C VAL A 174 7.55 -1.34 2.64
N ALA A 175 6.73 -1.64 3.62
CA ALA A 175 6.66 -0.70 4.78
C ALA A 175 8.00 -0.60 5.50
N LYS A 176 8.71 -1.76 5.68
CA LYS A 176 10.02 -1.69 6.34
C LYS A 176 11.04 -0.94 5.49
N LEU A 177 10.92 -1.02 4.15
CA LEU A 177 11.82 -0.25 3.28
C LEU A 177 11.61 1.26 3.53
N LEU A 178 10.37 1.69 3.51
CA LEU A 178 10.10 3.14 3.70
C LEU A 178 10.53 3.54 5.10
N MET A 179 10.18 2.74 6.12
CA MET A 179 10.56 3.11 7.48
C MET A 179 12.09 3.13 7.64
N GLY A 180 12.76 2.22 6.93
CA GLY A 180 14.22 2.16 7.01
C GLY A 180 14.88 3.35 6.33
N TRP A 181 14.11 4.06 5.50
CA TRP A 181 14.52 5.33 4.89
C TRP A 181 13.95 6.53 5.66
N GLY A 182 13.45 6.29 6.90
CA GLY A 182 13.03 7.40 7.76
C GLY A 182 11.61 7.90 7.51
N ILE A 183 10.86 7.18 6.67
CA ILE A 183 9.48 7.58 6.34
C ILE A 183 8.63 6.73 7.26
N LYS A 184 8.16 7.36 8.33
CA LYS A 184 7.48 6.63 9.40
C LYS A 184 6.03 7.10 9.47
N PRO A 185 5.11 6.17 9.70
CA PRO A 185 3.71 6.53 9.80
C PRO A 185 3.36 7.11 11.16
N GLU A 186 2.56 8.18 11.16
CA GLU A 186 1.98 8.66 12.37
C GLU A 186 0.76 7.78 12.72
N ALA A 187 0.10 7.22 11.70
CA ALA A 187 -1.07 6.38 11.92
C ALA A 187 -1.23 5.50 10.68
N MET A 188 -2.09 4.50 10.77
CA MET A 188 -2.23 3.53 9.67
C MET A 188 -3.66 3.13 9.50
N ILE A 189 -3.96 2.57 8.32
CA ILE A 189 -5.28 1.99 8.07
C ILE A 189 -5.06 0.90 7.01
N GLY A 190 -5.80 -0.20 7.14
CA GLY A 190 -5.73 -1.28 6.10
C GLY A 190 -7.08 -1.38 5.42
N TYR A 191 -7.06 -1.76 4.14
CA TYR A 191 -8.30 -2.10 3.47
C TYR A 191 -8.46 -3.61 3.68
N SER A 192 -9.37 -3.95 4.59
CA SER A 192 -9.76 -5.36 4.83
C SER A 192 -8.52 -6.19 5.29
N PHE A 193 -8.02 -7.07 4.44
CA PHE A 193 -6.83 -7.80 4.81
C PHE A 193 -5.66 -6.93 5.22
N GLY A 194 -5.57 -5.74 4.62
CA GLY A 194 -4.43 -4.86 5.00
C GLY A 194 -4.36 -4.54 6.49
N GLU A 195 -5.47 -4.66 7.25
CA GLU A 195 -5.41 -4.38 8.67
C GLU A 195 -4.41 -5.32 9.38
N TYR A 196 -4.21 -6.52 8.84
CA TYR A 196 -3.27 -7.46 9.49
C TYR A 196 -1.85 -6.92 9.43
N VAL A 197 -1.49 -6.27 8.31
CA VAL A 197 -0.15 -5.72 8.20
C VAL A 197 0.02 -4.51 9.12
N ALA A 198 -1.01 -3.66 9.19
CA ALA A 198 -1.00 -2.52 10.11
C ALA A 198 -0.75 -3.04 11.54
N ALA A 199 -1.52 -4.07 11.91
CA ALA A 199 -1.41 -4.55 13.27
C ALA A 199 0.00 -5.09 13.60
N CYS A 200 0.63 -5.74 12.63
CA CYS A 200 1.98 -6.27 12.85
C CYS A 200 2.94 -5.10 13.03
N LEU A 201 2.82 -4.07 12.16
CA LEU A 201 3.75 -2.93 12.29
C LEU A 201 3.56 -2.18 13.60
N ALA A 202 2.33 -2.22 14.17
CA ALA A 202 1.98 -1.60 15.44
C ALA A 202 2.39 -2.52 16.60
N GLU A 203 2.95 -3.68 16.24
CA GLU A 203 3.45 -4.67 17.22
C GLU A 203 2.35 -5.30 18.06
N VAL A 204 1.14 -5.35 17.51
CA VAL A 204 0.08 -6.17 18.10
C VAL A 204 0.49 -7.63 18.12
N PHE A 205 1.11 -8.08 17.05
CA PHE A 205 1.68 -9.42 17.10
C PHE A 205 3.03 -9.40 16.49
N THR A 206 3.84 -10.36 16.86
CA THR A 206 5.15 -10.49 16.25
C THR A 206 5.00 -10.85 14.79
N LEU A 207 6.10 -10.68 14.05
CA LEU A 207 6.07 -11.06 12.64
C LEU A 207 5.78 -12.54 12.53
N GLU A 208 6.40 -13.36 13.36
CA GLU A 208 6.12 -14.81 13.34
C GLU A 208 4.64 -15.13 13.59
N ASP A 209 4.04 -14.52 14.62
CA ASP A 209 2.64 -14.86 14.90
C ASP A 209 1.71 -14.32 13.80
N ALA A 210 2.03 -13.15 13.21
CA ALA A 210 1.23 -12.60 12.08
C ALA A 210 1.26 -13.55 10.90
N LEU A 211 2.45 -14.03 10.58
CA LEU A 211 2.61 -14.94 9.44
C LEU A 211 1.86 -16.28 9.71
N LYS A 212 1.95 -16.78 10.94
CA LYS A 212 1.15 -17.99 11.26
C LYS A 212 -0.33 -17.71 11.13
N LEU A 213 -0.76 -16.53 11.59
CA LEU A 213 -2.16 -16.21 11.58
C LEU A 213 -2.66 -16.15 10.13
N VAL A 214 -1.90 -15.49 9.25
CA VAL A 214 -2.41 -15.31 7.88
CA VAL A 214 -2.38 -15.31 7.88
C VAL A 214 -2.34 -16.63 7.11
N VAL A 215 -1.41 -17.53 7.48
CA VAL A 215 -1.39 -18.86 6.86
C VAL A 215 -2.64 -19.62 7.28
N LYS A 216 -3.00 -19.52 8.57
CA LYS A 216 -4.18 -20.23 9.05
C LYS A 216 -5.45 -19.67 8.41
N ARG A 217 -5.54 -18.35 8.30
CA ARG A 217 -6.68 -17.67 7.68
C ARG A 217 -6.81 -18.21 6.22
N GLY A 218 -5.70 -18.19 5.49
CA GLY A 218 -5.69 -18.69 4.07
C GLY A 218 -6.11 -20.15 3.97
N GLN A 219 -5.56 -20.99 4.84
CA GLN A 219 -5.90 -22.43 4.87
C GLN A 219 -7.39 -22.63 5.11
N LEU A 220 -7.97 -21.93 6.09
CA LEU A 220 -9.41 -22.10 6.39
C LEU A 220 -10.25 -21.60 5.22
N MET A 221 -9.86 -20.45 4.65
CA MET A 221 -10.66 -19.89 3.56
C MET A 221 -10.60 -20.77 2.29
N SER A 222 -9.52 -21.58 2.15
CA SER A 222 -9.36 -22.48 0.97
C SER A 222 -10.43 -23.54 0.90
N SER A 223 -11.12 -23.81 2.01
CA SER A 223 -12.17 -24.81 2.03
C SER A 223 -13.49 -24.23 1.52
N LEU A 224 -13.54 -22.91 1.25
CA LEU A 224 -14.80 -22.25 0.89
C LEU A 224 -14.91 -22.12 -0.61
N PRO A 225 -16.09 -22.43 -1.19
CA PRO A 225 -16.23 -22.05 -2.55
C PRO A 225 -16.15 -20.55 -2.75
N ALA A 226 -15.70 -20.14 -3.93
CA ALA A 226 -15.65 -18.70 -4.24
C ALA A 226 -17.10 -18.23 -4.36
N GLY A 227 -17.39 -17.12 -3.70
CA GLY A 227 -18.65 -16.45 -3.90
C GLY A 227 -18.49 -15.28 -4.84
N VAL A 228 -19.35 -14.27 -4.68
CA VAL A 228 -19.31 -13.14 -5.59
C VAL A 228 -19.39 -11.86 -4.77
N MET A 229 -18.68 -10.84 -5.24
CA MET A 229 -18.82 -9.50 -4.62
C MET A 229 -19.39 -8.52 -5.62
N LEU A 230 -20.24 -7.62 -5.14
CA LEU A 230 -21.02 -6.74 -6.01
C LEU A 230 -20.96 -5.33 -5.46
N SER A 231 -20.54 -4.38 -6.33
CA SER A 231 -20.54 -2.97 -5.94
C SER A 231 -21.90 -2.37 -6.29
N VAL A 232 -22.44 -1.62 -5.30
CA VAL A 232 -23.74 -0.94 -5.48
C VAL A 232 -23.54 0.50 -5.07
N PRO A 233 -23.80 1.45 -6.01
CA PRO A 233 -23.49 2.86 -5.73
C PRO A 233 -24.58 3.55 -4.93
N LEU A 234 -24.83 3.07 -3.72
CA LEU A 234 -25.78 3.72 -2.78
C LEU A 234 -25.08 3.72 -1.43
N PRO A 235 -25.49 4.63 -0.56
CA PRO A 235 -24.87 4.68 0.79
C PRO A 235 -25.32 3.52 1.70
N GLU A 236 -24.54 3.29 2.75
CA GLU A 236 -24.83 2.22 3.73
C GLU A 236 -26.27 2.10 4.14
N GLU A 237 -26.91 3.21 4.55
CA GLU A 237 -28.25 3.06 5.09
C GLU A 237 -29.19 2.51 4.04
N GLU A 238 -28.93 2.81 2.78
CA GLU A 238 -29.79 2.26 1.73
C GLU A 238 -29.53 0.79 1.50
N LEU A 239 -28.26 0.37 1.50
CA LEU A 239 -27.94 -1.05 1.39
C LEU A 239 -28.57 -1.85 2.55
N ILE A 240 -28.57 -1.27 3.75
CA ILE A 240 -29.15 -1.99 4.89
C ILE A 240 -30.62 -2.34 4.58
N HIS A 241 -31.35 -1.34 4.06
CA HIS A 241 -32.78 -1.55 3.77
C HIS A 241 -32.95 -2.57 2.65
N LEU A 242 -32.12 -2.47 1.58
CA LEU A 242 -32.22 -3.41 0.44
C LEU A 242 -31.92 -4.85 0.85
N ILE A 243 -30.93 -5.00 1.72
CA ILE A 243 -30.49 -6.33 2.17
C ILE A 243 -31.58 -6.90 3.08
N ASN A 244 -32.10 -6.06 3.98
CA ASN A 244 -33.16 -6.55 4.88
C ASN A 244 -34.36 -7.06 4.12
N SER A 245 -34.82 -6.28 3.13
CA SER A 245 -35.97 -6.70 2.30
C SER A 245 -35.63 -7.97 1.53
N PHE A 246 -34.42 -7.97 0.98
CA PHE A 246 -34.02 -9.13 0.17
C PHE A 246 -34.04 -10.44 0.94
N GLU A 247 -33.47 -10.39 2.15
CA GLU A 247 -33.37 -11.60 2.94
C GLU A 247 -34.74 -12.09 3.32
N LYS A 248 -35.70 -11.18 3.48
CA LYS A 248 -37.07 -11.63 3.85
C LYS A 248 -37.87 -12.15 2.65
N GLU A 249 -37.52 -11.69 1.45
CA GLU A 249 -38.27 -12.08 0.25
C GLU A 249 -37.70 -13.28 -0.45
N TYR A 250 -36.39 -13.48 -0.37
CA TYR A 250 -35.73 -14.59 -1.04
C TYR A 250 -35.12 -15.53 0.03
N GLN A 251 -34.77 -16.76 -0.29
CA GLN A 251 -34.19 -17.57 0.81
C GLN A 251 -32.70 -17.55 0.81
N HIS A 252 -32.12 -16.34 0.93
CA HIS A 252 -30.69 -16.14 0.77
C HIS A 252 -30.14 -15.07 1.69
N THR A 253 -28.85 -15.15 1.98
CA THR A 253 -28.21 -14.11 2.74
C THR A 253 -27.31 -13.28 1.83
N ILE A 254 -27.26 -11.98 2.12
CA ILE A 254 -26.30 -11.03 1.46
C ILE A 254 -25.61 -10.29 2.60
N SER A 255 -24.30 -10.18 2.53
CA SER A 255 -23.54 -9.53 3.56
C SER A 255 -23.15 -8.19 3.07
N LEU A 256 -23.19 -7.20 3.96
CA LEU A 256 -22.63 -5.89 3.59
C LEU A 256 -21.13 -6.01 3.90
N ALA A 257 -20.32 -6.11 2.83
CA ALA A 257 -18.90 -6.48 3.00
C ALA A 257 -18.03 -5.26 3.25
N VAL A 258 -18.29 -4.18 2.51
CA VAL A 258 -17.44 -2.99 2.61
C VAL A 258 -18.29 -1.75 2.43
N VAL A 259 -18.04 -0.75 3.28
CA VAL A 259 -18.63 0.59 3.05
C VAL A 259 -17.53 1.52 2.57
N ASN A 260 -17.73 2.01 1.35
CA ASN A 260 -16.81 2.91 0.66
C ASN A 260 -17.43 4.28 0.39
N GLY A 261 -18.13 4.82 1.37
CA GLY A 261 -18.67 6.19 1.27
C GLY A 261 -20.02 6.11 0.55
N PRO A 262 -20.05 6.70 -0.62
CA PRO A 262 -21.38 6.75 -1.29
C PRO A 262 -21.66 5.44 -2.03
N ALA A 263 -20.77 4.45 -1.91
CA ALA A 263 -20.98 3.12 -2.56
C ALA A 263 -20.54 2.02 -1.59
N CYS A 264 -21.14 0.85 -1.74
CA CYS A 264 -20.88 -0.26 -0.83
C CYS A 264 -20.61 -1.49 -1.65
N ILE A 265 -19.91 -2.46 -1.06
CA ILE A 265 -19.73 -3.76 -1.69
C ILE A 265 -20.53 -4.78 -0.87
N VAL A 266 -21.30 -5.63 -1.56
CA VAL A 266 -22.03 -6.70 -0.86
C VAL A 266 -21.47 -8.04 -1.35
N SER A 267 -21.72 -9.11 -0.60
CA SER A 267 -21.18 -10.40 -1.08
C SER A 267 -22.11 -11.55 -0.68
N GLY A 268 -21.96 -12.65 -1.37
CA GLY A 268 -22.78 -13.82 -1.12
C GLY A 268 -22.41 -14.88 -2.11
N THR A 269 -23.13 -16.00 -2.07
CA THR A 269 -22.97 -17.05 -3.06
C THR A 269 -23.41 -16.54 -4.41
N GLU A 270 -23.00 -17.24 -5.47
CA GLU A 270 -23.40 -16.84 -6.82
C GLU A 270 -24.94 -16.79 -6.91
N GLU A 271 -25.60 -17.78 -6.33
CA GLU A 271 -27.08 -17.90 -6.36
C GLU A 271 -27.72 -16.71 -5.69
N ALA A 272 -27.22 -16.35 -4.50
CA ALA A 272 -27.77 -15.24 -3.76
C ALA A 272 -27.55 -13.95 -4.52
N ILE A 273 -26.31 -13.76 -4.98
CA ILE A 273 -25.99 -12.54 -5.72
C ILE A 273 -26.77 -12.37 -7.01
N VAL A 274 -27.01 -13.46 -7.77
CA VAL A 274 -27.84 -13.36 -8.97
C VAL A 274 -29.28 -12.91 -8.61
N ASP A 275 -29.82 -13.43 -7.50
CA ASP A 275 -31.16 -12.99 -7.06
C ASP A 275 -31.17 -11.52 -6.68
N PHE A 276 -30.09 -11.12 -6.05
CA PHE A 276 -29.95 -9.69 -5.57
C PHE A 276 -29.81 -8.80 -6.77
N GLU A 277 -29.00 -9.23 -7.74
CA GLU A 277 -28.84 -8.46 -8.97
C GLU A 277 -30.21 -8.29 -9.67
N ASN A 278 -31.02 -9.35 -9.62
CA ASN A 278 -32.39 -9.29 -10.18
C ASN A 278 -33.26 -8.25 -9.50
N GLU A 279 -33.17 -8.21 -8.17
CA GLU A 279 -33.94 -7.24 -7.42
C GLU A 279 -33.45 -5.83 -7.75
N LEU A 280 -32.14 -5.64 -7.83
CA LEU A 280 -31.63 -4.32 -8.24
C LEU A 280 -32.10 -3.93 -9.61
N LYS A 281 -32.13 -4.88 -10.53
CA LYS A 281 -32.68 -4.60 -11.87
C LYS A 281 -34.16 -4.17 -11.78
N LYS A 282 -34.93 -4.79 -10.88
CA LYS A 282 -36.33 -4.37 -10.71
C LYS A 282 -36.45 -2.95 -10.18
N GLN A 283 -35.48 -2.53 -9.35
CA GLN A 283 -35.48 -1.19 -8.81
C GLN A 283 -34.75 -0.20 -9.72
N ARG A 284 -34.32 -0.67 -10.90
CA ARG A 284 -33.61 0.20 -11.89
C ARG A 284 -32.37 0.83 -11.25
N LEU A 285 -31.67 0.01 -10.46
CA LEU A 285 -30.41 0.45 -9.80
C LEU A 285 -29.17 -0.14 -10.49
N MET A 286 -28.14 0.68 -10.60
CA MET A 286 -26.81 0.26 -11.07
C MET A 286 -26.16 -0.73 -10.12
N CYS A 287 -25.33 -1.61 -10.68
CA CYS A 287 -24.44 -2.41 -9.86
C CYS A 287 -23.39 -2.97 -10.77
N MET A 288 -22.33 -3.49 -10.17
CA MET A 288 -21.23 -4.09 -10.96
C MET A 288 -20.53 -5.09 -10.13
N ARG A 289 -20.24 -6.27 -10.69
CA ARG A 289 -19.46 -7.25 -9.94
C ARG A 289 -18.01 -6.77 -9.81
N VAL A 290 -17.42 -7.06 -8.65
CA VAL A 290 -16.06 -6.65 -8.29
C VAL A 290 -15.38 -7.78 -7.51
N THR A 291 -15.68 -9.02 -7.86
CA THR A 291 -15.21 -10.16 -7.08
C THR A 291 -13.68 -10.27 -7.04
N ILE A 292 -13.18 -10.52 -5.82
CA ILE A 292 -11.78 -10.74 -5.56
C ILE A 292 -11.67 -12.07 -4.80
N ALA A 296 -13.07 -12.78 1.30
CA ALA A 296 -14.37 -12.07 1.56
C ALA A 296 -14.62 -11.66 3.04
N HIS A 297 -15.82 -11.12 3.29
CA HIS A 297 -16.29 -10.63 4.63
C HIS A 297 -17.81 -10.92 4.78
N SER A 298 -18.19 -12.19 4.87
CA SER A 298 -19.57 -12.61 4.63
C SER A 298 -20.10 -13.76 5.52
N HIS A 299 -21.41 -14.04 5.42
CA HIS A 299 -22.05 -15.25 6.00
C HIS A 299 -21.33 -16.57 5.61
N GLU A 300 -20.77 -16.63 4.40
CA GLU A 300 -20.07 -17.87 3.95
C GLU A 300 -18.86 -18.28 4.82
N LEU A 301 -18.30 -17.34 5.58
CA LEU A 301 -17.25 -17.70 6.52
C LEU A 301 -17.73 -18.37 7.84
N ASP A 302 -19.03 -18.36 8.16
CA ASP A 302 -19.45 -18.78 9.51
C ASP A 302 -18.92 -20.15 9.95
N SER A 303 -18.89 -21.11 9.02
CA SER A 303 -18.47 -22.48 9.39
C SER A 303 -16.98 -22.62 9.75
N ILE A 304 -16.15 -21.60 9.51
CA ILE A 304 -14.73 -21.69 9.88
C ILE A 304 -14.37 -20.79 11.05
N LEU A 305 -15.34 -19.99 11.52
CA LEU A 305 -15.02 -18.98 12.55
C LEU A 305 -14.60 -19.55 13.89
N ASP A 306 -15.19 -20.68 14.28
CA ASP A 306 -14.88 -21.27 15.58
C ASP A 306 -13.44 -21.75 15.58
N GLU A 307 -13.05 -22.39 14.46
CA GLU A 307 -11.70 -22.89 14.33
C GLU A 307 -10.72 -21.70 14.28
N TYR A 308 -11.11 -20.63 13.60
CA TYR A 308 -10.20 -19.43 13.48
C TYR A 308 -10.03 -18.84 14.88
N ALA A 309 -11.14 -18.73 15.61
CA ALA A 309 -11.14 -18.14 16.94
C ALA A 309 -10.19 -18.92 17.85
N SER A 310 -10.28 -20.25 17.78
CA SER A 310 -9.46 -21.12 18.57
C SER A 310 -7.97 -20.87 18.28
N TYR A 311 -7.63 -20.81 17.01
CA TYR A 311 -6.23 -20.52 16.65
C TYR A 311 -5.74 -19.16 17.15
N VAL A 312 -6.52 -18.11 16.92
CA VAL A 312 -6.07 -16.78 17.32
C VAL A 312 -5.82 -16.75 18.82
N SER A 313 -6.60 -17.52 19.54
CA SER A 313 -6.45 -17.62 21.03
C SER A 313 -5.10 -18.17 21.47
N THR A 314 -4.39 -18.82 20.57
CA THR A 314 -3.12 -19.42 20.88
C THR A 314 -1.93 -18.46 20.66
N LEU A 315 -2.21 -17.31 20.04
CA LEU A 315 -1.16 -16.35 19.67
C LEU A 315 -1.00 -15.32 20.79
N THR A 316 0.10 -14.60 20.79
CA THR A 316 0.25 -13.48 21.74
C THR A 316 -0.23 -12.19 21.09
N LEU A 317 -1.16 -11.51 21.75
CA LEU A 317 -1.63 -10.18 21.26
C LEU A 317 -1.27 -9.06 22.25
N ARG A 318 -0.71 -7.99 21.71
CA ARG A 318 -0.28 -6.84 22.55
C ARG A 318 -0.92 -5.53 22.09
N GLU A 319 -0.93 -4.54 23.00
CA GLU A 319 -1.51 -3.26 22.63
C GLU A 319 -0.69 -2.54 21.57
N PRO A 320 -1.36 -1.87 20.61
CA PRO A 320 -0.60 -1.25 19.49
C PRO A 320 0.31 -0.13 19.98
N LYS A 321 1.46 -0.01 19.35
CA LYS A 321 2.40 1.08 19.63
C LYS A 321 2.33 2.20 18.61
N ILE A 322 1.59 1.98 17.52
CA ILE A 322 1.27 3.03 16.51
C ILE A 322 -0.23 2.99 16.36
N PRO A 323 -0.89 4.13 16.42
CA PRO A 323 -2.36 4.10 16.35
C PRO A 323 -2.81 3.73 14.95
N TYR A 324 -3.95 3.07 14.86
CA TYR A 324 -4.46 2.78 13.51
C TYR A 324 -5.96 2.61 13.55
N LEU A 325 -6.60 2.63 12.37
CA LEU A 325 -8.05 2.56 12.31
C LEU A 325 -8.51 1.13 12.30
N SER A 326 -9.63 0.91 13.00
CA SER A 326 -10.28 -0.41 12.97
C SER A 326 -11.27 -0.49 11.81
N ASN A 327 -11.18 -1.55 11.01
CA ASN A 327 -12.20 -1.73 9.97
C ASN A 327 -13.53 -2.14 10.59
N LEU A 328 -13.51 -2.79 11.77
CA LEU A 328 -14.78 -3.21 12.37
C LEU A 328 -15.58 -2.03 12.85
N THR A 329 -14.91 -1.06 13.49
CA THR A 329 -15.68 0.02 14.14
C THR A 329 -15.70 1.31 13.32
N GLY A 330 -14.74 1.43 12.42
CA GLY A 330 -14.56 2.64 11.63
C GLY A 330 -13.86 3.79 12.37
N THR A 331 -13.38 3.51 13.58
CA THR A 331 -12.67 4.55 14.35
C THR A 331 -11.36 3.93 14.89
N TRP A 332 -10.59 4.71 15.64
CA TRP A 332 -9.31 4.22 16.18
C TRP A 332 -9.48 2.92 16.91
N ILE A 333 -8.63 1.95 16.60
CA ILE A 333 -8.69 0.69 17.36
C ILE A 333 -8.34 0.97 18.82
N ARG A 334 -9.09 0.30 19.69
CA ARG A 334 -8.82 0.38 21.15
C ARG A 334 -7.80 -0.66 21.53
N PRO A 335 -6.96 -0.38 22.54
CA PRO A 335 -6.02 -1.38 23.04
C PRO A 335 -6.67 -2.72 23.40
N GLU A 336 -7.78 -2.66 24.10
CA GLU A 336 -8.54 -3.85 24.45
C GLU A 336 -9.24 -4.56 23.27
N GLU A 337 -9.34 -3.88 22.12
CA GLU A 337 -9.88 -4.55 20.93
C GLU A 337 -8.77 -5.35 20.26
N ALA A 338 -7.65 -4.68 20.03
CA ALA A 338 -6.54 -5.35 19.30
C ALA A 338 -6.11 -6.65 20.04
N THR A 339 -6.22 -6.66 21.37
CA THR A 339 -5.73 -7.78 22.18
C THR A 339 -6.80 -8.85 22.44
N ASN A 340 -7.98 -8.66 21.87
CA ASN A 340 -9.09 -9.58 22.03
C ASN A 340 -9.20 -10.52 20.83
N PRO A 341 -9.01 -11.84 21.06
CA PRO A 341 -9.14 -12.74 19.89
C PRO A 341 -10.47 -12.64 19.18
N VAL A 342 -11.54 -12.33 19.94
CA VAL A 342 -12.83 -12.22 19.29
C VAL A 342 -12.89 -11.04 18.31
N TYR A 343 -12.10 -9.97 18.52
CA TYR A 343 -12.08 -8.87 17.55
C TYR A 343 -11.68 -9.39 16.16
N TRP A 344 -10.69 -10.29 16.14
CA TRP A 344 -10.15 -10.80 14.88
C TRP A 344 -11.20 -11.68 14.15
N VAL A 345 -11.93 -12.47 14.93
CA VAL A 345 -13.04 -13.23 14.40
C VAL A 345 -14.12 -12.32 13.83
N LYS A 346 -14.51 -11.27 14.57
CA LYS A 346 -15.54 -10.37 14.11
C LYS A 346 -15.05 -9.61 12.87
N HIS A 347 -13.75 -9.32 12.81
CA HIS A 347 -13.20 -8.54 11.69
C HIS A 347 -13.37 -9.37 10.40
N MET A 348 -13.24 -10.69 10.50
CA MET A 348 -13.35 -11.62 9.38
C MET A 348 -14.74 -11.63 8.75
N ARG A 349 -15.73 -11.55 9.62
CA ARG A 349 -17.11 -11.73 9.28
C ARG A 349 -17.76 -10.39 8.97
N GLY A 350 -17.25 -9.34 9.58
CA GLY A 350 -17.95 -8.05 9.65
C GLY A 350 -17.68 -7.11 8.48
N THR A 351 -18.54 -6.12 8.40
CA THR A 351 -18.40 -5.06 7.38
C THR A 351 -17.11 -4.32 7.56
N VAL A 352 -16.42 -4.06 6.46
CA VAL A 352 -15.20 -3.22 6.49
C VAL A 352 -15.61 -1.76 6.37
N ARG A 353 -15.44 -1.00 7.46
CA ARG A 353 -15.85 0.40 7.47
CA ARG A 353 -15.85 0.42 7.48
C ARG A 353 -14.74 1.32 6.99
N PHE A 354 -14.37 1.11 5.72
CA PHE A 354 -13.22 1.80 5.17
C PHE A 354 -13.44 3.31 5.09
N SER A 355 -14.59 3.78 4.56
CA SER A 355 -14.74 5.23 4.39
C SER A 355 -14.75 5.97 5.76
N ASP A 356 -15.33 5.31 6.78
CA ASP A 356 -15.30 5.90 8.08
C ASP A 356 -13.86 6.12 8.57
N GLY A 357 -13.00 5.13 8.35
CA GLY A 357 -11.60 5.26 8.81
C GLY A 357 -10.92 6.39 8.02
N ILE A 358 -11.12 6.43 6.70
CA ILE A 358 -10.48 7.47 5.88
C ILE A 358 -10.98 8.88 6.33
N GLN A 359 -12.27 8.98 6.62
CA GLN A 359 -12.86 10.26 7.11
C GLN A 359 -12.20 10.67 8.44
N GLU A 360 -11.93 9.73 9.32
CA GLU A 360 -11.26 10.08 10.57
C GLU A 360 -9.86 10.64 10.33
N LEU A 361 -9.08 9.95 9.48
CA LEU A 361 -7.76 10.45 9.15
C LEU A 361 -7.83 11.80 8.43
N ASN A 362 -8.87 12.03 7.64
CA ASN A 362 -8.93 13.22 6.81
C ASN A 362 -9.42 14.45 7.61
N ARG A 363 -9.61 14.27 8.91
CA ARG A 363 -9.91 15.43 9.78
C ARG A 363 -8.79 16.43 9.72
N ASP A 364 -7.56 15.95 9.52
CA ASP A 364 -6.45 16.83 9.18
C ASP A 364 -6.30 16.75 7.65
N ASN A 365 -6.75 17.80 6.97
CA ASN A 365 -6.80 17.73 5.52
C ASN A 365 -5.45 18.06 4.83
N THR A 366 -4.40 18.17 5.63
CA THR A 366 -3.00 18.24 5.15
C THR A 366 -2.27 16.92 5.33
N SER A 367 -2.94 15.90 5.89
CA SER A 367 -2.26 14.60 6.06
C SER A 367 -2.03 13.93 4.71
N LEU A 368 -0.99 13.07 4.67
CA LEU A 368 -0.52 12.47 3.40
C LEU A 368 -0.58 10.97 3.51
N PHE A 369 -1.01 10.31 2.43
CA PHE A 369 -1.28 8.87 2.51
C PHE A 369 -0.34 8.13 1.58
N ILE A 370 0.27 7.06 2.07
CA ILE A 370 1.16 6.27 1.20
C ILE A 370 0.52 4.87 1.09
N GLU A 371 0.15 4.49 -0.14
CA GLU A 371 -0.45 3.15 -0.33
C GLU A 371 0.67 2.11 -0.38
N ILE A 372 0.57 1.12 0.48
CA ILE A 372 1.57 0.04 0.59
C ILE A 372 1.04 -1.15 -0.14
N GLY A 373 1.73 -1.55 -1.21
CA GLY A 373 1.31 -2.68 -2.00
C GLY A 373 0.56 -2.19 -3.22
N PRO A 374 0.35 -3.09 -4.17
CA PRO A 374 -0.34 -2.75 -5.40
C PRO A 374 -1.86 -2.57 -5.20
N GLY A 375 -2.43 -1.69 -5.98
CA GLY A 375 -3.88 -1.57 -6.01
C GLY A 375 -4.32 -0.24 -6.56
N ASN A 376 -4.52 -0.20 -7.87
CA ASN A 376 -4.94 1.03 -8.52
C ASN A 376 -6.32 1.49 -8.09
N ASP A 377 -7.28 0.56 -8.02
CA ASP A 377 -8.67 0.91 -7.68
C ASP A 377 -8.73 1.52 -6.28
N LEU A 378 -7.92 0.96 -5.38
CA LEU A 378 -7.90 1.44 -3.98
C LEU A 378 -7.32 2.86 -3.90
N SER A 379 -6.29 3.10 -4.70
CA SER A 379 -5.68 4.44 -4.75
C SER A 379 -6.72 5.48 -5.29
N ARG A 380 -7.45 5.10 -6.34
CA ARG A 380 -8.45 6.00 -6.93
C ARG A 380 -9.57 6.24 -5.94
N LEU A 381 -10.04 5.17 -5.28
CA LEU A 381 -11.13 5.32 -4.29
C LEU A 381 -10.68 6.25 -3.16
N THR A 382 -9.48 6.02 -2.65
CA THR A 382 -8.99 6.80 -1.52
C THR A 382 -8.84 8.28 -1.92
N SER A 383 -8.31 8.52 -3.10
CA SER A 383 -8.15 9.87 -3.59
C SER A 383 -9.47 10.62 -3.60
N ARG A 384 -10.50 9.95 -4.12
CA ARG A 384 -11.83 10.55 -4.17
C ARG A 384 -12.44 10.81 -2.79
N LEU A 385 -12.17 9.90 -1.84
CA LEU A 385 -12.69 10.11 -0.49
C LEU A 385 -11.96 11.27 0.22
N LEU A 386 -10.71 11.51 -0.13
CA LEU A 386 -9.98 12.64 0.46
C LEU A 386 -10.48 13.97 -0.09
N ASP A 387 -10.66 14.05 -1.41
CA ASP A 387 -11.07 15.30 -2.06
C ASP A 387 -11.45 14.98 -3.47
N TYR A 388 -12.69 15.29 -3.83
CA TYR A 388 -13.16 14.96 -5.15
C TYR A 388 -12.30 15.54 -6.28
N GLU A 389 -11.82 16.86 -6.23
CA GLU A 389 -10.99 17.44 -7.31
C GLU A 389 -9.51 17.04 -7.10
N ASN A 390 -9.02 17.13 -5.94
CA ASN A 390 -7.56 17.21 -5.80
C ASN A 390 -6.96 16.18 -4.86
N GLY A 391 -7.67 15.10 -4.57
CA GLY A 391 -7.21 14.09 -3.61
C GLY A 391 -5.85 13.47 -4.05
N ASN A 392 -5.58 13.43 -5.36
CA ASN A 392 -4.34 12.86 -5.90
CA ASN A 392 -4.36 12.75 -5.79
C ASN A 392 -3.08 13.42 -5.28
N GLU A 393 -3.15 14.70 -4.94
CA GLU A 393 -1.99 15.44 -4.39
C GLU A 393 -1.60 14.96 -3.01
N ARG A 394 -2.46 14.18 -2.37
CA ARG A 394 -2.18 13.67 -1.03
C ARG A 394 -2.02 12.18 -0.96
N ILE A 395 -1.97 11.49 -2.11
CA ILE A 395 -1.73 10.05 -2.05
CA ILE A 395 -1.74 10.03 -2.08
C ILE A 395 -0.52 9.68 -2.92
N PHE A 396 0.27 8.78 -2.40
CA PHE A 396 1.53 8.40 -2.99
C PHE A 396 1.56 6.90 -3.06
N ASN A 397 1.97 6.33 -4.18
CA ASN A 397 1.93 4.87 -4.32
C ASN A 397 3.31 4.27 -4.19
N THR A 398 3.34 2.94 -4.10
CA THR A 398 4.64 2.25 -3.92
C THR A 398 4.91 1.18 -4.95
N VAL A 399 3.85 0.56 -5.46
CA VAL A 399 4.03 -0.61 -6.32
C VAL A 399 3.11 -0.49 -7.54
N ARG A 400 3.68 -0.73 -8.71
CA ARG A 400 2.90 -0.71 -9.95
C ARG A 400 1.90 -1.85 -10.06
N SER A 401 0.86 -1.65 -10.86
CA SER A 401 -0.09 -2.76 -11.12
CA SER A 401 -0.09 -2.76 -11.09
C SER A 401 0.53 -3.68 -12.14
N VAL A 402 0.03 -4.91 -12.21
CA VAL A 402 0.70 -5.99 -12.92
C VAL A 402 0.89 -5.65 -14.40
N GLN A 403 -0.07 -4.92 -14.89
CA GLN A 403 -0.08 -4.61 -16.31
C GLN A 403 0.75 -3.37 -16.70
N GLN A 404 1.18 -2.52 -15.72
CA GLN A 404 1.95 -1.29 -15.95
C GLN A 404 3.38 -1.65 -16.31
N ASP A 405 3.81 -1.33 -17.52
CA ASP A 405 5.16 -1.71 -17.93
C ASP A 405 6.13 -0.61 -17.56
N VAL A 406 6.53 -0.64 -16.29
CA VAL A 406 7.43 0.37 -15.77
C VAL A 406 8.32 -0.34 -14.71
N SER A 407 9.56 0.10 -14.60
CA SER A 407 10.51 -0.41 -13.62
C SER A 407 10.00 -0.22 -12.19
N ASP A 408 10.21 -1.20 -11.33
CA ASP A 408 9.72 -1.01 -9.94
C ASP A 408 10.43 0.08 -9.21
N MET A 409 11.74 0.19 -9.42
CA MET A 409 12.46 1.25 -8.70
C MET A 409 12.12 2.61 -9.29
N TYR A 410 11.98 2.70 -10.63
CA TYR A 410 11.50 3.94 -11.22
C TYR A 410 10.16 4.36 -10.66
N PHE A 411 9.23 3.41 -10.54
CA PHE A 411 7.90 3.72 -10.06
C PHE A 411 7.95 4.25 -8.61
N LEU A 412 8.69 3.53 -7.76
CA LEU A 412 8.83 3.94 -6.36
C LEU A 412 9.49 5.30 -6.25
N PHE A 413 10.57 5.53 -7.00
CA PHE A 413 11.28 6.80 -6.85
C PHE A 413 10.47 7.97 -7.41
N SER A 414 9.67 7.71 -8.43
CA SER A 414 8.77 8.75 -8.97
C SER A 414 7.84 9.18 -7.84
N HIS A 415 7.33 8.22 -7.08
CA HIS A 415 6.44 8.62 -5.98
C HIS A 415 7.19 9.23 -4.79
N ILE A 416 8.42 8.77 -4.54
CA ILE A 416 9.21 9.41 -3.43
C ILE A 416 9.55 10.86 -3.78
N THR A 417 9.79 11.16 -5.06
CA THR A 417 10.06 12.57 -5.44
C THR A 417 8.79 13.40 -5.18
N ARG A 418 7.61 12.82 -5.44
CA ARG A 418 6.36 13.53 -5.13
C ARG A 418 6.21 13.72 -3.61
N MET A 419 6.51 12.68 -2.84
CA MET A 419 6.42 12.76 -1.37
C MET A 419 7.34 13.91 -0.88
N TRP A 420 8.57 13.94 -1.40
CA TRP A 420 9.55 14.86 -0.87
C TRP A 420 9.17 16.30 -1.20
N VAL A 421 8.67 16.61 -2.42
CA VAL A 421 8.36 17.96 -2.71
C VAL A 421 7.16 18.40 -1.86
N THR A 422 6.36 17.43 -1.39
CA THR A 422 5.13 17.78 -0.64
C THR A 422 5.48 17.97 0.83
N GLY A 423 6.71 17.64 1.21
CA GLY A 423 7.20 17.87 2.61
C GLY A 423 7.63 16.67 3.43
N ILE A 424 7.61 15.48 2.84
CA ILE A 424 8.00 14.25 3.54
C ILE A 424 9.50 14.16 3.50
N SER A 425 10.10 14.01 4.68
CA SER A 425 11.57 13.88 4.76
C SER A 425 12.04 12.45 4.61
N VAL A 426 13.20 12.32 3.98
CA VAL A 426 13.83 11.03 3.76
C VAL A 426 15.17 11.05 4.53
N ASP A 427 15.44 9.98 5.28
CA ASP A 427 16.75 9.83 5.97
C ASP A 427 17.84 9.41 5.00
N TRP A 428 18.55 10.40 4.45
CA TRP A 428 19.52 10.11 3.39
C TRP A 428 20.68 9.34 3.91
N GLU A 429 20.97 9.45 5.22
CA GLU A 429 22.04 8.63 5.78
C GLU A 429 21.74 7.14 5.61
N GLN A 430 20.48 6.75 5.82
CA GLN A 430 20.08 5.35 5.66
C GLN A 430 19.99 5.01 4.19
N PHE A 431 19.47 5.93 3.39
CA PHE A 431 19.40 5.69 1.94
C PHE A 431 20.76 5.33 1.35
N TYR A 432 21.83 5.96 1.89
CA TYR A 432 23.18 5.76 1.33
C TYR A 432 24.05 4.81 2.16
N LYS A 433 23.42 4.05 3.07
CA LYS A 433 24.18 3.27 4.03
C LYS A 433 25.04 2.19 3.37
N ASP A 434 24.68 1.77 2.16
CA ASP A 434 25.43 0.68 1.47
C ASP A 434 26.20 1.14 0.23
N GLU A 435 26.42 2.46 0.12
CA GLU A 435 27.18 3.05 -1.01
C GLU A 435 28.29 3.93 -0.48
N LYS A 436 29.30 4.12 -1.32
CA LYS A 436 30.38 5.08 -1.04
C LYS A 436 30.24 6.21 -2.02
N ARG A 437 29.82 7.37 -1.51
CA ARG A 437 29.60 8.55 -2.31
C ARG A 437 30.50 9.70 -1.87
N ARG A 438 30.64 10.71 -2.73
CA ARG A 438 31.46 11.89 -2.35
C ARG A 438 30.70 13.13 -2.70
N ARG A 439 30.80 14.19 -1.87
CA ARG A 439 30.24 15.49 -2.26
C ARG A 439 31.10 16.08 -3.38
N ILE A 440 30.45 16.66 -4.36
CA ILE A 440 31.18 17.31 -5.47
C ILE A 440 30.74 18.74 -5.66
N PRO A 441 31.55 19.55 -6.36
CA PRO A 441 31.19 20.96 -6.58
C PRO A 441 29.99 21.06 -7.52
N LEU A 442 29.05 21.91 -7.17
CA LEU A 442 27.88 22.21 -7.99
C LEU A 442 27.64 23.69 -7.91
N PRO A 443 26.97 24.27 -8.93
CA PRO A 443 26.64 25.72 -8.88
C PRO A 443 25.64 26.05 -7.77
#